data_6YGY
#
_entry.id   6YGY
#
_cell.length_a   85.224
_cell.length_b   65.050
_cell.length_c   71.561
_cell.angle_alpha   90.000
_cell.angle_beta   94.280
_cell.angle_gamma   90.000
#
_symmetry.space_group_name_H-M   'C 1 2 1'
#
loop_
_entity.id
_entity.type
_entity.pdbx_description
1 polymer 'Queuine tRNA-ribosyltransferase'
2 non-polymer 'ZINC ION'
3 non-polymer 6-AMINO-4-[2-(4-METHYLPHENYL)ETHYL]-1,7-DIHYDRO-8H-IMIDAZO[4,5-G]QUINAZOLIN-8-ONE
4 water water
#
_entity_poly.entity_id   1
_entity_poly.type   'polypeptide(L)'
_entity_poly.pdbx_seq_one_letter_code
;GSMVEATAQETDRPRFSFSIAAREGKARTGTIEMKRGVIRTPAFMPVGTAATVKALKPETVRATGADIILGNTYHLMLRP
GAERIAKLGGLHSFMG(FTR)DRPILTDSGGYQVMSLSSLTKQSEEGVTFKSHLDGSRHMLSPERSIEIQHLLGSDIVMA
FDECTPYPATPSRAASSMERSMR(FTR)AKRSRDAFDSRKEQAENAALFGIQQGSVFENLRQQSADALAEIGFDGYAVGG
LAVGEGQDEMFRVLDFSVPMLPDDKPHYLMGVGKPDDIVGAVERGIDMFDCVLPTRSGRNGQAFT(FTR)DGPINIRNAR
FSEDLKPLDSECHCAVCQK(FTR)SRAYIHHLIRAGEILGAMLMTEHNIAFYQQLMQKIRDSISEGRFSQFAQDFRARYF
ARNS
;
_entity_poly.pdbx_strand_id   A
#
loop_
_chem_comp.id
_chem_comp.type
_chem_comp.name
_chem_comp.formula
NEZ non-polymer 6-AMINO-4-[2-(4-METHYLPHENYL)ETHYL]-1,7-DIHYDRO-8H-IMIDAZO[4,5-G]QUINAZOLIN-8-ONE 'C18 H17 N5 O'
ZN non-polymer 'ZINC ION' 'Zn 2'
#
# COMPACT_ATOMS: atom_id res chain seq x y z
N ASP A 12 -9.12 -9.51 24.37
CA ASP A 12 -7.87 -9.11 23.72
C ASP A 12 -7.81 -9.57 22.26
N ARG A 13 -7.51 -8.64 21.35
CA ARG A 13 -7.43 -9.03 19.96
C ARG A 13 -6.26 -10.00 19.74
N PRO A 14 -6.34 -10.82 18.72
CA PRO A 14 -5.24 -11.73 18.40
C PRO A 14 -4.09 -10.97 17.73
N ARG A 15 -2.96 -11.67 17.65
CA ARG A 15 -1.85 -11.17 16.83
C ARG A 15 -2.31 -10.86 15.41
N PHE A 16 -3.07 -11.77 14.80
CA PHE A 16 -3.49 -11.61 13.42
C PHE A 16 -4.67 -12.54 13.15
N SER A 17 -5.78 -11.99 12.67
N SER A 17 -5.78 -11.98 12.74
CA SER A 17 -6.94 -12.80 12.26
CA SER A 17 -6.87 -12.77 12.21
C SER A 17 -7.73 -12.09 11.18
C SER A 17 -7.49 -11.98 11.08
N PHE A 18 -7.77 -12.67 9.98
CA PHE A 18 -8.49 -12.11 8.85
C PHE A 18 -9.80 -12.88 8.72
N SER A 19 -10.91 -12.14 8.66
N SER A 19 -10.90 -12.14 8.68
CA SER A 19 -12.23 -12.73 8.53
CA SER A 19 -12.22 -12.72 8.51
C SER A 19 -12.99 -12.01 7.42
C SER A 19 -12.93 -12.01 7.37
N ILE A 20 -13.57 -12.79 6.50
CA ILE A 20 -14.31 -12.27 5.36
C ILE A 20 -15.79 -12.26 5.73
N ALA A 21 -16.40 -11.08 5.68
CA ALA A 21 -17.79 -10.92 6.10
C ALA A 21 -18.77 -11.00 4.94
N ALA A 22 -18.30 -10.68 3.73
CA ALA A 22 -19.18 -10.68 2.56
C ALA A 22 -18.34 -10.71 1.29
N ARG A 23 -18.95 -11.26 0.23
CA ARG A 23 -18.29 -11.41 -1.05
C ARG A 23 -19.25 -11.03 -2.17
N GLU A 24 -18.67 -10.58 -3.29
CA GLU A 24 -19.43 -10.36 -4.51
C GLU A 24 -18.46 -10.58 -5.68
N GLY A 25 -18.70 -11.61 -6.48
CA GLY A 25 -17.70 -12.00 -7.45
C GLY A 25 -16.40 -12.37 -6.74
N LYS A 26 -15.29 -11.85 -7.26
CA LYS A 26 -14.00 -12.00 -6.60
C LYS A 26 -13.77 -11.00 -5.48
N ALA A 27 -14.63 -10.00 -5.34
CA ALA A 27 -14.44 -8.96 -4.36
C ALA A 27 -14.85 -9.47 -2.97
N ARG A 28 -14.13 -9.02 -1.96
CA ARG A 28 -14.58 -9.37 -0.62
C ARG A 28 -14.34 -8.20 0.35
N THR A 29 -15.04 -8.27 1.47
CA THR A 29 -14.95 -7.23 2.49
C THR A 29 -14.95 -7.93 3.85
N GLY A 30 -14.16 -7.40 4.77
CA GLY A 30 -14.02 -8.03 6.07
C GLY A 30 -13.11 -7.25 6.99
N THR A 31 -12.40 -7.93 7.87
CA THR A 31 -11.57 -7.25 8.86
C THR A 31 -10.31 -8.06 9.12
N ILE A 32 -9.22 -7.33 9.37
CA ILE A 32 -8.02 -7.91 9.97
C ILE A 32 -7.98 -7.42 11.40
N GLU A 33 -7.90 -8.34 12.36
CA GLU A 33 -7.71 -8.00 13.75
C GLU A 33 -6.25 -8.18 14.10
N MET A 34 -5.67 -7.16 14.73
CA MET A 34 -4.32 -7.20 15.25
C MET A 34 -4.34 -6.62 16.66
N LYS A 35 -3.23 -6.76 17.38
CA LYS A 35 -3.23 -6.31 18.76
C LYS A 35 -3.52 -4.82 18.87
N ARG A 36 -3.01 -4.02 17.94
N ARG A 36 -3.01 -4.02 17.94
CA ARG A 36 -3.17 -2.57 18.04
CA ARG A 36 -3.17 -2.57 18.02
C ARG A 36 -4.43 -2.04 17.36
C ARG A 36 -4.45 -2.05 17.40
N GLY A 37 -5.22 -2.88 16.72
CA GLY A 37 -6.46 -2.39 16.13
C GLY A 37 -7.04 -3.30 15.08
N VAL A 38 -8.25 -2.94 14.64
CA VAL A 38 -8.95 -3.59 13.55
C VAL A 38 -8.73 -2.82 12.26
N ILE A 39 -8.47 -3.54 11.17
CA ILE A 39 -8.33 -2.96 9.84
C ILE A 39 -9.50 -3.44 8.98
N ARG A 40 -10.34 -2.50 8.53
CA ARG A 40 -11.46 -2.83 7.66
C ARG A 40 -10.96 -2.99 6.23
N THR A 41 -11.39 -4.05 5.55
CA THR A 41 -10.92 -4.29 4.18
C THR A 41 -12.10 -4.34 3.22
N PRO A 42 -11.94 -3.87 1.97
CA PRO A 42 -10.68 -3.33 1.42
C PRO A 42 -10.21 -2.04 2.10
N ALA A 43 -8.90 -1.93 2.31
CA ALA A 43 -8.28 -0.86 3.07
C ALA A 43 -7.35 -0.03 2.19
N PHE A 44 -7.38 1.29 2.41
CA PHE A 44 -6.32 2.15 1.91
C PHE A 44 -5.42 2.55 3.05
N MET A 45 -4.11 2.48 2.82
CA MET A 45 -3.10 2.65 3.85
C MET A 45 -2.26 3.86 3.47
N PRO A 46 -2.55 5.03 4.02
CA PRO A 46 -1.79 6.23 3.64
C PRO A 46 -0.44 6.31 4.33
N VAL A 47 0.44 7.14 3.77
CA VAL A 47 1.71 7.38 4.42
C VAL A 47 1.46 8.06 5.76
N GLY A 48 2.26 7.71 6.77
CA GLY A 48 1.98 8.19 8.11
C GLY A 48 2.29 9.65 8.27
N THR A 49 3.26 10.14 7.50
CA THR A 49 3.74 11.50 7.60
C THR A 49 2.90 12.47 6.77
N ALA A 50 1.80 12.00 6.19
CA ALA A 50 0.89 12.85 5.43
C ALA A 50 0.19 13.86 6.33
N GLY A 65 -11.73 7.20 8.66
CA GLY A 65 -10.30 7.48 8.69
C GLY A 65 -9.50 6.19 8.65
N ALA A 66 -8.20 6.31 8.35
CA ALA A 66 -7.37 5.14 8.12
C ALA A 66 -7.25 4.28 9.39
N ASP A 67 -7.18 2.98 9.16
CA ASP A 67 -6.99 2.00 10.22
C ASP A 67 -5.54 1.57 10.38
N ILE A 68 -4.70 1.88 9.41
CA ILE A 68 -3.29 1.50 9.38
C ILE A 68 -2.60 2.54 8.51
N ILE A 69 -1.36 2.88 8.86
CA ILE A 69 -0.56 3.80 8.07
C ILE A 69 0.75 3.12 7.69
N LEU A 70 1.42 3.70 6.70
CA LEU A 70 2.72 3.23 6.23
C LEU A 70 3.86 3.98 6.90
N GLY A 71 4.84 3.22 7.40
CA GLY A 71 6.13 3.77 7.71
C GLY A 71 7.03 3.74 6.48
N ASN A 72 8.11 4.51 6.50
CA ASN A 72 9.02 4.61 5.35
C ASN A 72 10.36 4.00 5.75
N THR A 73 10.49 2.68 5.56
CA THR A 73 11.68 1.98 6.01
C THR A 73 12.94 2.57 5.40
N TYR A 74 12.93 2.81 4.10
CA TYR A 74 14.13 3.30 3.44
C TYR A 74 14.58 4.63 4.02
N HIS A 75 13.65 5.58 4.19
CA HIS A 75 14.05 6.85 4.77
C HIS A 75 14.50 6.68 6.20
N LEU A 76 13.73 5.95 7.01
CA LEU A 76 14.05 5.82 8.42
C LEU A 76 15.39 5.12 8.63
N MET A 77 15.75 4.17 7.75
CA MET A 77 17.04 3.49 7.83
C MET A 77 18.19 4.48 7.86
N LEU A 78 18.03 5.56 7.12
CA LEU A 78 19.06 6.55 6.89
C LEU A 78 18.97 7.72 7.85
N ARG A 79 17.76 8.20 8.12
CA ARG A 79 17.55 9.29 9.05
C ARG A 79 16.32 8.98 9.91
N PRO A 80 16.47 8.77 11.22
CA PRO A 80 17.68 8.83 12.05
C PRO A 80 18.48 7.52 12.13
N GLY A 81 18.00 6.49 11.46
CA GLY A 81 18.52 5.15 11.64
C GLY A 81 17.57 4.31 12.46
N ALA A 82 17.50 3.03 12.15
CA ALA A 82 16.58 2.15 12.84
C ALA A 82 16.92 2.01 14.32
N GLU A 83 18.22 1.91 14.65
N GLU A 83 18.22 1.86 14.64
CA GLU A 83 18.61 1.79 16.05
CA GLU A 83 18.62 1.81 16.04
C GLU A 83 18.27 3.04 16.84
C GLU A 83 18.11 3.04 16.79
N ARG A 84 18.34 4.22 16.21
CA ARG A 84 17.90 5.45 16.85
C ARG A 84 16.39 5.48 17.04
N ILE A 85 15.63 5.02 16.03
CA ILE A 85 14.17 4.97 16.23
C ILE A 85 13.84 4.07 17.41
N ALA A 86 14.52 2.94 17.51
CA ALA A 86 14.28 2.03 18.64
C ALA A 86 14.64 2.72 19.95
N LYS A 87 15.76 3.45 19.99
CA LYS A 87 16.14 4.18 21.20
C LYS A 87 15.06 5.18 21.61
N LEU A 88 14.39 5.79 20.64
CA LEU A 88 13.31 6.76 20.91
C LEU A 88 11.99 6.10 21.25
N GLY A 89 11.93 4.78 21.29
CA GLY A 89 10.75 4.08 21.70
C GLY A 89 9.97 3.39 20.61
N GLY A 90 10.50 3.37 19.39
CA GLY A 90 9.83 2.74 18.26
C GLY A 90 8.97 3.73 17.49
N LEU A 91 8.57 3.32 16.29
CA LEU A 91 7.87 4.24 15.39
C LEU A 91 6.52 4.67 15.93
N HIS A 92 5.79 3.80 16.66
CA HIS A 92 4.48 4.22 17.17
C HIS A 92 4.61 5.43 18.08
N SER A 93 5.48 5.33 19.10
CA SER A 93 5.76 6.45 19.99
C SER A 93 6.31 7.65 19.22
N PHE A 94 7.25 7.41 18.31
CA PHE A 94 7.91 8.49 17.58
C PHE A 94 6.90 9.35 16.81
N MET A 95 5.97 8.72 16.10
N MET A 95 5.97 8.69 16.09
CA MET A 95 5.03 9.50 15.30
CA MET A 95 4.99 9.34 15.25
C MET A 95 3.67 9.65 15.95
C MET A 95 3.74 9.77 16.01
N GLY A 96 3.52 9.22 17.20
CA GLY A 96 2.29 9.47 17.92
C GLY A 96 1.10 8.76 17.32
N FTR A 97 1.32 7.54 16.87
CA FTR A 97 0.27 6.74 16.26
CB FTR A 97 0.44 6.61 14.76
CG FTR A 97 -0.46 5.69 14.05
CD2 FTR A 97 -1.74 6.01 13.44
CE2 FTR A 97 -2.24 4.79 12.85
CE3 FTR A 97 -2.51 7.17 13.36
CD1 FTR A 97 -0.24 4.35 13.81
NE1 FTR A 97 -1.31 3.81 13.08
CZ2 FTR A 97 -3.46 4.71 12.18
CZ3 FTR A 97 -3.72 7.08 12.68
F FTR A 97 -4.47 8.19 12.56
CH2 FTR A 97 -4.21 5.88 12.08
C FTR A 97 0.25 5.35 16.94
O FTR A 97 1.26 4.61 16.77
HA FTR A 97 -0.60 7.15 16.39
HB2 FTR A 97 1.35 6.34 14.58
HB3 FTR A 97 0.33 7.48 14.35
HE3 FTR A 97 -2.22 7.96 13.74
HD1 FTR A 97 0.49 3.83 14.06
HE1 FTR A 97 -1.36 2.98 12.82
HZ2 FTR A 97 -3.76 3.92 11.81
HH2 FTR A 97 -5.02 5.89 11.65
N ASP A 98 -0.80 5.02 17.69
CA ASP A 98 -0.76 3.79 18.47
C ASP A 98 -1.50 2.63 17.80
N ARG A 99 -1.90 2.82 16.56
CA ARG A 99 -2.64 1.82 15.79
C ARG A 99 -1.69 1.08 14.88
N PRO A 100 -2.16 0.15 14.04
CA PRO A 100 -1.22 -0.62 13.22
C PRO A 100 -0.42 0.24 12.24
N ILE A 101 0.81 -0.21 11.99
CA ILE A 101 1.73 0.37 11.02
C ILE A 101 2.27 -0.75 10.14
N LEU A 102 2.27 -0.53 8.83
CA LEU A 102 2.91 -1.41 7.86
C LEU A 102 4.20 -0.78 7.37
N THR A 103 5.27 -1.59 7.26
CA THR A 103 6.52 -1.14 6.68
C THR A 103 6.89 -2.00 5.49
N ASP A 104 7.41 -1.38 4.43
CA ASP A 104 7.96 -2.15 3.33
C ASP A 104 9.36 -2.63 3.70
N SER A 105 9.90 -3.52 2.89
CA SER A 105 11.15 -4.18 3.22
C SER A 105 12.39 -3.42 2.75
N GLY A 106 12.24 -2.40 1.90
CA GLY A 106 13.30 -1.45 1.61
C GLY A 106 14.02 -1.61 0.29
N GLY A 107 13.96 -2.79 -0.33
CA GLY A 107 14.73 -2.99 -1.55
C GLY A 107 14.13 -2.28 -2.76
N TYR A 108 12.80 -2.25 -2.84
CA TYR A 108 12.16 -1.48 -3.89
C TYR A 108 12.69 -0.04 -3.89
N GLN A 109 12.68 0.59 -2.72
CA GLN A 109 13.13 1.97 -2.64
C GLN A 109 14.63 2.09 -2.89
N VAL A 110 15.43 1.15 -2.37
CA VAL A 110 16.86 1.20 -2.65
C VAL A 110 17.10 1.17 -4.16
N MET A 111 16.41 0.26 -4.85
CA MET A 111 16.67 0.10 -6.28
C MET A 111 16.10 1.26 -7.10
N SER A 112 15.13 2.00 -6.58
CA SER A 112 14.61 3.13 -7.34
C SER A 112 15.31 4.44 -7.01
N LEU A 113 15.86 4.60 -5.79
CA LEU A 113 16.33 5.89 -5.32
C LEU A 113 17.83 5.97 -5.05
N SER A 114 18.49 4.88 -4.69
CA SER A 114 19.90 4.98 -4.30
C SER A 114 20.75 5.30 -5.52
N LEU A 116 24.05 4.24 -6.44
CA LEU A 116 24.81 3.06 -6.86
C LEU A 116 24.33 1.86 -6.05
N THR A 117 24.17 0.74 -6.73
CA THR A 117 23.67 -0.46 -6.09
C THR A 117 24.43 -1.66 -6.60
N LYS A 118 24.66 -2.62 -5.71
CA LYS A 118 25.33 -3.87 -6.06
C LYS A 118 24.47 -5.01 -5.52
N GLN A 119 23.99 -5.85 -6.42
CA GLN A 119 23.08 -6.94 -6.06
C GLN A 119 23.84 -8.26 -6.00
N SER A 120 23.46 -9.11 -5.03
CA SER A 120 24.04 -10.43 -4.89
C SER A 120 23.02 -11.32 -4.21
N GLU A 121 23.34 -12.60 -4.11
CA GLU A 121 22.46 -13.52 -3.41
C GLU A 121 22.28 -13.12 -1.94
N GLU A 122 23.28 -12.45 -1.36
CA GLU A 122 23.18 -12.04 0.05
C GLU A 122 22.17 -10.91 0.24
N GLY A 123 22.12 -9.97 -0.68
CA GLY A 123 21.27 -8.79 -0.52
C GLY A 123 21.71 -7.71 -1.50
N VAL A 124 21.48 -6.46 -1.12
CA VAL A 124 21.86 -5.33 -1.95
C VAL A 124 22.72 -4.37 -1.14
N THR A 125 23.84 -3.95 -1.72
CA THR A 125 24.65 -2.88 -1.14
C THR A 125 24.40 -1.60 -1.94
N PHE A 126 24.46 -0.47 -1.25
CA PHE A 126 24.11 0.81 -1.86
C PHE A 126 24.70 1.94 -1.05
N LYS A 127 24.79 3.12 -1.67
CA LYS A 127 25.37 4.30 -1.01
C LYS A 127 24.34 5.44 -0.85
N GLY A 132 26.42 9.36 2.02
CA GLY A 132 27.55 9.15 2.91
C GLY A 132 28.27 7.83 2.66
N SER A 133 28.19 6.93 3.63
CA SER A 133 28.86 5.64 3.54
C SER A 133 27.97 4.63 2.85
N ARG A 134 28.44 3.38 2.77
CA ARG A 134 27.70 2.31 2.13
C ARG A 134 26.79 1.61 3.14
N HIS A 135 25.81 0.89 2.61
CA HIS A 135 24.88 0.09 3.41
C HIS A 135 24.61 -1.20 2.67
N MET A 136 24.42 -2.29 3.42
CA MET A 136 23.87 -3.53 2.90
C MET A 136 22.44 -3.68 3.40
N LEU A 137 21.61 -4.26 2.56
CA LEU A 137 20.25 -4.65 2.93
C LEU A 137 20.10 -6.08 2.50
N SER A 138 19.80 -6.96 3.44
CA SER A 138 19.58 -8.38 3.21
C SER A 138 18.23 -8.74 3.79
N PRO A 139 17.74 -9.96 3.53
CA PRO A 139 16.50 -10.38 4.21
C PRO A 139 16.60 -10.25 5.71
N GLU A 140 17.73 -10.66 6.29
CA GLU A 140 17.88 -10.62 7.74
C GLU A 140 17.94 -9.18 8.25
N ARG A 141 18.67 -8.31 7.56
CA ARG A 141 18.78 -6.93 8.01
C ARG A 141 17.47 -6.19 7.82
N SER A 142 16.74 -6.49 6.74
CA SER A 142 15.45 -5.84 6.51
C SER A 142 14.48 -6.18 7.62
N ILE A 143 14.43 -7.46 8.01
CA ILE A 143 13.52 -7.87 9.07
C ILE A 143 13.94 -7.22 10.39
N GLU A 144 15.24 -7.17 10.66
CA GLU A 144 15.70 -6.54 11.90
C GLU A 144 15.36 -5.05 11.93
N ILE A 145 15.56 -4.35 10.80
CA ILE A 145 15.19 -2.94 10.75
C ILE A 145 13.71 -2.78 11.06
N GLN A 146 12.88 -3.59 10.42
CA GLN A 146 11.44 -3.49 10.66
C GLN A 146 11.09 -3.86 12.09
N HIS A 147 11.83 -4.76 12.70
CA HIS A 147 11.67 -5.05 14.12
C HIS A 147 12.01 -3.84 14.99
N LEU A 148 13.17 -3.21 14.74
CA LEU A 148 13.56 -2.03 15.50
C LEU A 148 12.54 -0.90 15.33
N LEU A 149 11.97 -0.77 14.14
CA LEU A 149 10.95 0.26 13.94
C LEU A 149 9.67 -0.10 14.69
N GLY A 150 9.43 -1.39 14.90
CA GLY A 150 8.26 -1.83 15.65
C GLY A 150 6.99 -1.91 14.86
N SER A 151 7.07 -2.08 13.54
CA SER A 151 5.86 -2.14 12.75
C SER A 151 5.08 -3.42 13.03
N ASP A 152 3.77 -3.34 12.74
CA ASP A 152 2.83 -4.43 12.96
C ASP A 152 2.74 -5.35 11.77
N ILE A 153 2.77 -4.84 10.55
CA ILE A 153 2.80 -5.69 9.36
C ILE A 153 4.15 -5.45 8.69
N VAL A 154 4.90 -6.54 8.57
CA VAL A 154 6.27 -6.57 8.09
C VAL A 154 6.25 -7.23 6.72
N MET A 155 6.91 -6.60 5.74
CA MET A 155 7.03 -7.19 4.42
C MET A 155 8.32 -8.00 4.30
N ALA A 156 8.20 -9.15 3.63
CA ALA A 156 9.38 -9.91 3.27
C ALA A 156 10.27 -9.07 2.35
N PHE A 157 11.56 -9.37 2.37
CA PHE A 157 12.55 -8.68 1.54
C PHE A 157 12.58 -9.35 0.17
N ASP A 158 12.14 -8.61 -0.85
CA ASP A 158 11.95 -9.11 -2.20
C ASP A 158 12.69 -8.23 -3.21
N GLU A 159 12.74 -8.72 -4.44
CA GLU A 159 13.24 -7.98 -5.58
C GLU A 159 12.06 -7.65 -6.50
N CYS A 160 11.79 -6.36 -6.69
CA CYS A 160 10.75 -5.93 -7.63
C CYS A 160 11.35 -5.93 -9.03
N THR A 161 11.02 -6.96 -9.80
CA THR A 161 11.64 -7.15 -11.11
C THR A 161 11.33 -5.96 -12.01
N PRO A 162 12.32 -5.38 -12.68
CA PRO A 162 12.02 -4.30 -13.62
C PRO A 162 11.13 -4.77 -14.76
N TYR A 163 10.42 -3.80 -15.34
CA TYR A 163 9.49 -4.03 -16.42
C TYR A 163 9.91 -3.20 -17.62
N PRO A 164 9.92 -3.77 -18.83
CA PRO A 164 9.61 -5.18 -19.12
C PRO A 164 10.77 -6.09 -18.73
N ALA A 165 10.46 -7.37 -18.56
CA ALA A 165 11.47 -8.38 -18.29
C ALA A 165 11.27 -9.58 -19.19
N THR A 166 12.37 -10.18 -19.65
CA THR A 166 12.26 -11.41 -20.40
C THR A 166 11.83 -12.54 -19.48
N PRO A 167 11.23 -13.59 -20.02
CA PRO A 167 10.92 -14.76 -19.19
C PRO A 167 12.10 -15.25 -18.37
N SER A 168 13.30 -15.32 -18.95
CA SER A 168 14.43 -15.86 -18.20
C SER A 168 14.80 -14.96 -17.02
N ARG A 169 14.87 -13.65 -17.27
CA ARG A 169 15.25 -12.71 -16.21
C ARG A 169 14.16 -12.65 -15.15
N ALA A 170 12.88 -12.65 -15.57
CA ALA A 170 11.80 -12.64 -14.59
C ALA A 170 11.85 -13.88 -13.71
N ALA A 171 12.18 -15.04 -14.29
CA ALA A 171 12.26 -16.28 -13.53
C ALA A 171 13.42 -16.26 -12.54
N SER A 172 14.61 -15.90 -13.01
N SER A 172 14.62 -15.92 -13.02
CA SER A 172 15.77 -15.84 -12.11
CA SER A 172 15.78 -15.82 -12.14
C SER A 172 15.52 -14.87 -10.97
C SER A 172 15.51 -14.88 -10.97
N SER A 173 14.89 -13.73 -11.26
CA SER A 173 14.60 -12.75 -10.22
C SER A 173 13.59 -13.30 -9.21
N MET A 174 12.49 -13.85 -9.71
CA MET A 174 11.47 -14.44 -8.84
C MET A 174 12.05 -15.54 -7.96
N GLU A 175 12.94 -16.37 -8.53
CA GLU A 175 13.52 -17.45 -7.76
C GLU A 175 14.36 -16.92 -6.61
N ARG A 176 15.14 -15.87 -6.87
CA ARG A 176 15.89 -15.21 -5.80
C ARG A 176 14.93 -14.65 -4.74
N SER A 177 13.87 -13.97 -5.18
CA SER A 177 12.90 -13.46 -4.21
C SER A 177 12.31 -14.58 -3.35
N MET A 178 12.09 -15.76 -3.92
CA MET A 178 11.51 -16.82 -3.09
C MET A 178 12.52 -17.36 -2.09
N ARG A 179 13.78 -17.45 -2.47
CA ARG A 179 14.82 -17.82 -1.49
C ARG A 179 14.87 -16.75 -0.38
N FTR A 180 14.84 -15.48 -0.77
CA FTR A 180 14.77 -14.40 0.18
CB FTR A 180 14.86 -13.05 -0.52
CG FTR A 180 16.22 -12.76 -1.04
CD2 FTR A 180 16.63 -11.58 -1.79
CE2 FTR A 180 18.02 -11.71 -2.10
CE3 FTR A 180 15.93 -10.46 -2.21
CD1 FTR A 180 17.36 -13.54 -0.93
NE1 FTR A 180 18.43 -12.91 -1.55
CZ2 FTR A 180 18.73 -10.74 -2.80
CZ3 FTR A 180 16.65 -9.51 -2.92
F FTR A 180 16.00 -8.40 -3.35
CH2 FTR A 180 18.02 -9.64 -3.21
C FTR A 180 13.50 -14.41 1.07
O FTR A 180 13.56 -13.95 2.24
H FTR A 180 15.19 -15.19 -1.50
HA FTR A 180 15.51 -14.51 0.80
HB2 FTR A 180 14.62 -12.35 0.10
HB3 FTR A 180 14.24 -13.01 -1.25
HE3 FTR A 180 15.03 -10.35 -2.03
HD1 FTR A 180 17.45 -14.37 -0.52
HE1 FTR A 180 19.24 -13.22 -1.60
HZ2 FTR A 180 19.64 -10.83 -2.98
HH2 FTR A 180 18.44 -8.97 -3.70
N ALA A 181 12.40 -14.91 0.55
CA ALA A 181 11.16 -14.98 1.33
C ALA A 181 11.32 -15.98 2.46
N LYS A 182 11.98 -17.11 2.17
CA LYS A 182 12.25 -18.09 3.20
C LYS A 182 13.20 -17.52 4.24
N ARG A 183 14.24 -16.79 3.81
CA ARG A 183 15.14 -16.17 4.76
C ARG A 183 14.43 -15.12 5.59
N SER A 184 13.46 -14.41 4.99
CA SER A 184 12.70 -13.41 5.72
C SER A 184 11.84 -14.07 6.81
N ARG A 185 11.14 -15.15 6.43
CA ARG A 185 10.35 -15.94 7.37
C ARG A 185 11.19 -16.39 8.56
N ASP A 186 12.39 -16.94 8.29
CA ASP A 186 13.21 -17.46 9.38
C ASP A 186 13.72 -16.34 10.28
N ALA A 187 14.11 -15.20 9.69
CA ALA A 187 14.57 -14.09 10.52
C ALA A 187 13.45 -13.56 11.39
N PHE A 188 12.25 -13.43 10.85
CA PHE A 188 11.09 -12.96 11.61
C PHE A 188 10.80 -13.91 12.77
N ASP A 189 10.80 -15.22 12.50
CA ASP A 189 10.48 -16.19 13.52
C ASP A 189 11.53 -16.28 14.61
N SER A 190 12.75 -15.80 14.35
N SER A 190 12.75 -15.80 14.35
CA SER A 190 13.80 -15.89 15.35
CA SER A 190 13.82 -15.87 15.33
C SER A 190 13.68 -14.82 16.43
C SER A 190 13.83 -14.70 16.31
N ARG A 191 12.88 -13.77 16.18
CA ARG A 191 12.72 -12.64 17.07
C ARG A 191 11.38 -12.78 17.79
N LYS A 192 11.43 -13.27 19.04
CA LYS A 192 10.21 -13.61 19.77
C LYS A 192 9.22 -12.46 19.80
N GLU A 193 9.70 -11.24 20.12
CA GLU A 193 8.79 -10.10 20.23
C GLU A 193 8.09 -9.85 18.91
N GLN A 194 8.82 -10.06 17.82
CA GLN A 194 8.26 -9.85 16.49
C GLN A 194 7.30 -10.99 16.12
N ALA A 195 7.73 -12.24 16.28
CA ALA A 195 6.89 -13.39 15.96
C ALA A 195 5.57 -13.36 16.73
N GLU A 196 5.58 -12.91 17.98
CA GLU A 196 4.39 -12.96 18.84
C GLU A 196 3.44 -11.77 18.66
N ASN A 197 3.91 -10.64 18.13
CA ASN A 197 3.10 -9.42 18.12
C ASN A 197 2.90 -8.81 16.75
N ALA A 198 3.71 -9.16 15.76
CA ALA A 198 3.62 -8.63 14.41
C ALA A 198 3.16 -9.75 13.46
N ALA A 199 2.97 -9.38 12.19
CA ALA A 199 2.57 -10.28 11.14
C ALA A 199 3.52 -10.10 9.96
N LEU A 200 3.70 -11.16 9.19
CA LEU A 200 4.64 -11.16 8.07
C LEU A 200 3.92 -11.49 6.78
N PHE A 201 4.10 -10.64 5.75
CA PHE A 201 3.50 -10.85 4.44
C PHE A 201 4.57 -11.29 3.45
N GLY A 202 4.25 -12.30 2.63
CA GLY A 202 5.11 -12.68 1.52
C GLY A 202 4.69 -11.93 0.26
N ILE A 203 5.63 -11.73 -0.66
CA ILE A 203 5.39 -10.94 -1.87
C ILE A 203 5.61 -11.80 -3.11
N GLN A 204 4.55 -11.97 -3.88
CA GLN A 204 4.60 -12.69 -5.15
C GLN A 204 5.28 -11.85 -6.22
N GLN A 205 6.15 -12.48 -7.00
CA GLN A 205 6.78 -11.85 -8.16
C GLN A 205 6.52 -12.72 -9.38
N GLY A 206 7.30 -12.55 -10.44
CA GLY A 206 7.04 -13.27 -11.68
C GLY A 206 6.65 -12.39 -12.87
N SER A 207 6.79 -11.08 -12.71
CA SER A 207 6.53 -10.12 -13.80
C SER A 207 5.11 -10.35 -14.33
N VAL A 208 4.91 -10.42 -15.65
CA VAL A 208 3.60 -10.56 -16.25
C VAL A 208 3.31 -12.01 -16.69
N PHE A 209 4.09 -12.98 -16.20
CA PHE A 209 4.04 -14.34 -16.73
C PHE A 209 3.27 -15.26 -15.79
N GLU A 210 2.20 -15.87 -16.32
CA GLU A 210 1.30 -16.68 -15.50
C GLU A 210 2.03 -17.85 -14.83
N ASN A 211 2.87 -18.57 -15.57
CA ASN A 211 3.55 -19.72 -14.97
C ASN A 211 4.47 -19.28 -13.82
N LEU A 212 5.16 -18.14 -13.97
CA LEU A 212 6.06 -17.71 -12.88
C LEU A 212 5.27 -17.21 -11.68
N ARG A 213 4.16 -16.51 -11.93
CA ARG A 213 3.28 -16.10 -10.85
C ARG A 213 2.77 -17.30 -10.07
N GLN A 214 2.47 -18.40 -10.78
CA GLN A 214 2.01 -19.61 -10.11
C GLN A 214 3.12 -20.21 -9.27
N GLN A 215 4.32 -20.30 -9.83
CA GLN A 215 5.43 -20.88 -9.07
C GLN A 215 5.70 -20.05 -7.82
N SER A 216 5.62 -18.72 -7.95
CA SER A 216 5.88 -17.83 -6.83
C SER A 216 4.81 -18.01 -5.76
N ALA A 217 3.54 -18.04 -6.16
CA ALA A 217 2.46 -18.27 -5.20
C ALA A 217 2.65 -19.60 -4.48
N ASP A 218 2.99 -20.65 -5.23
CA ASP A 218 3.22 -21.96 -4.63
C ASP A 218 4.34 -21.91 -3.60
N ALA A 219 5.46 -21.26 -3.96
CA ALA A 219 6.58 -21.17 -3.04
C ALA A 219 6.19 -20.42 -1.76
N LEU A 220 5.46 -19.32 -1.90
CA LEU A 220 5.07 -18.54 -0.75
C LEU A 220 4.12 -19.30 0.15
N ALA A 221 3.15 -20.01 -0.44
CA ALA A 221 2.22 -20.80 0.37
C ALA A 221 2.92 -21.94 1.09
N GLU A 222 3.96 -22.51 0.49
CA GLU A 222 4.69 -23.59 1.16
C GLU A 222 5.41 -23.06 2.39
N ILE A 223 5.96 -21.85 2.29
CA ILE A 223 6.61 -21.22 3.44
C ILE A 223 5.57 -20.87 4.49
N GLY A 224 4.50 -20.20 4.06
CA GLY A 224 3.40 -19.83 4.92
C GLY A 224 3.60 -18.41 5.43
N PHE A 225 2.63 -17.56 5.17
CA PHE A 225 2.65 -16.16 5.58
C PHE A 225 1.28 -15.77 6.11
N ASP A 226 1.23 -14.63 6.80
CA ASP A 226 -0.02 -14.13 7.35
C ASP A 226 -0.87 -13.46 6.29
N GLY A 227 -0.21 -12.89 5.28
CA GLY A 227 -0.87 -12.28 4.15
C GLY A 227 0.06 -12.38 2.96
N TYR A 228 -0.49 -12.04 1.80
CA TYR A 228 0.20 -12.21 0.52
C TYR A 228 0.03 -10.95 -0.31
N ALA A 229 1.15 -10.41 -0.73
CA ALA A 229 1.16 -9.23 -1.58
C ALA A 229 1.43 -9.62 -3.03
N VAL A 230 0.84 -8.88 -3.95
CA VAL A 230 1.15 -8.96 -5.36
C VAL A 230 2.17 -7.86 -5.61
N GLY A 231 3.45 -8.27 -5.75
CA GLY A 231 4.52 -7.36 -6.09
C GLY A 231 4.76 -7.30 -7.59
N GLY A 232 5.68 -6.43 -7.97
CA GLY A 232 6.13 -6.37 -9.35
C GLY A 232 5.20 -5.68 -10.31
N LEU A 233 4.16 -5.01 -9.83
CA LEU A 233 3.26 -4.23 -10.67
C LEU A 233 3.37 -2.76 -10.26
N ALA A 234 2.60 -1.91 -10.94
CA ALA A 234 2.76 -0.45 -10.81
C ALA A 234 4.22 -0.08 -11.05
N VAL A 235 4.77 -0.63 -12.14
CA VAL A 235 6.15 -0.41 -12.54
C VAL A 235 6.22 0.04 -13.99
N GLY A 236 5.11 0.61 -14.48
CA GLY A 236 5.04 1.14 -15.82
C GLY A 236 4.31 0.28 -16.84
N GLU A 237 3.63 -0.78 -16.40
CA GLU A 237 2.94 -1.67 -17.32
C GLU A 237 1.62 -1.11 -17.86
N GLY A 238 1.00 -0.17 -17.16
CA GLY A 238 -0.30 0.31 -17.60
C GLY A 238 -1.45 -0.54 -17.05
N GLN A 239 -2.63 0.08 -17.01
CA GLN A 239 -3.75 -0.53 -16.29
C GLN A 239 -4.26 -1.80 -16.96
N ASP A 240 -4.37 -1.81 -18.29
CA ASP A 240 -4.88 -3.01 -18.95
C ASP A 240 -4.02 -4.21 -18.61
N GLU A 241 -2.70 -4.04 -18.70
CA GLU A 241 -1.79 -5.15 -18.42
C GLU A 241 -1.81 -5.52 -16.93
N MET A 242 -1.85 -4.53 -16.07
N MET A 242 -1.83 -4.53 -16.04
CA MET A 242 -1.94 -4.80 -14.64
CA MET A 242 -1.93 -4.85 -14.62
C MET A 242 -3.17 -5.65 -14.31
C MET A 242 -3.17 -5.70 -14.37
N PHE A 243 -4.33 -5.24 -14.84
CA PHE A 243 -5.56 -5.99 -14.60
C PHE A 243 -5.48 -7.40 -15.18
N ARG A 244 -4.87 -7.54 -16.35
CA ARG A 244 -4.68 -8.86 -16.97
C ARG A 244 -3.87 -9.77 -16.06
N VAL A 245 -2.78 -9.26 -15.50
CA VAL A 245 -1.96 -10.05 -14.59
C VAL A 245 -2.73 -10.36 -13.30
N LEU A 246 -3.47 -9.38 -12.77
CA LEU A 246 -4.27 -9.64 -11.57
C LEU A 246 -5.30 -10.72 -11.82
N ASP A 247 -5.89 -10.75 -13.01
CA ASP A 247 -6.94 -11.73 -13.33
C ASP A 247 -6.49 -13.15 -13.01
N PHE A 248 -5.27 -13.53 -13.42
CA PHE A 248 -4.81 -14.88 -13.09
C PHE A 248 -3.96 -14.95 -11.83
N SER A 249 -3.40 -13.84 -11.35
CA SER A 249 -2.45 -13.93 -10.24
C SER A 249 -3.15 -13.99 -8.89
N VAL A 250 -4.21 -13.22 -8.69
CA VAL A 250 -4.79 -13.15 -7.34
C VAL A 250 -5.42 -14.49 -6.97
N PRO A 251 -6.07 -15.22 -7.88
CA PRO A 251 -6.64 -16.52 -7.50
C PRO A 251 -5.60 -17.56 -7.09
N MET A 252 -4.33 -17.35 -7.44
CA MET A 252 -3.27 -18.27 -7.03
C MET A 252 -2.93 -18.16 -5.56
N LEU A 253 -3.22 -17.01 -4.95
CA LEU A 253 -2.93 -16.81 -3.53
C LEU A 253 -3.98 -17.49 -2.67
N PRO A 254 -3.65 -17.82 -1.43
CA PRO A 254 -4.65 -18.41 -0.54
C PRO A 254 -5.85 -17.47 -0.41
N ASP A 255 -7.04 -18.02 -0.60
CA ASP A 255 -8.26 -17.23 -0.53
C ASP A 255 -8.50 -16.70 0.87
N ASP A 256 -8.11 -17.43 1.91
CA ASP A 256 -8.48 -17.09 3.28
C ASP A 256 -7.51 -16.12 3.94
N LYS A 257 -6.61 -15.54 3.18
CA LYS A 257 -5.62 -14.58 3.67
C LYS A 257 -5.74 -13.27 2.91
N PRO A 258 -5.34 -12.15 3.52
CA PRO A 258 -5.44 -10.87 2.83
C PRO A 258 -4.50 -10.78 1.65
N HIS A 259 -4.92 -9.99 0.66
CA HIS A 259 -4.21 -9.79 -0.59
C HIS A 259 -3.87 -8.30 -0.73
N TYR A 260 -2.58 -7.97 -0.79
CA TYR A 260 -2.12 -6.58 -0.80
C TYR A 260 -1.47 -6.28 -2.16
N LEU A 261 -2.07 -5.38 -2.95
CA LEU A 261 -1.46 -4.94 -4.21
C LEU A 261 -0.57 -3.73 -3.93
N MET A 262 0.75 -3.91 -4.09
CA MET A 262 1.70 -2.88 -3.71
C MET A 262 1.78 -1.78 -4.75
N GLY A 263 1.68 -0.53 -4.30
CA GLY A 263 1.97 0.59 -5.16
C GLY A 263 0.80 1.14 -5.94
N VAL A 264 -0.41 0.64 -5.71
CA VAL A 264 -1.60 0.98 -6.48
C VAL A 264 -2.63 1.67 -5.56
N GLY A 265 -3.13 2.83 -5.95
CA GLY A 265 -3.03 3.44 -7.24
C GLY A 265 -4.10 4.51 -7.35
N LYS A 266 -4.41 4.86 -8.58
CA LYS A 266 -5.48 5.78 -8.85
C LYS A 266 -6.79 5.18 -8.35
N PRO A 267 -7.78 6.02 -8.05
CA PRO A 267 -9.09 5.46 -7.65
C PRO A 267 -9.63 4.38 -8.59
N ASP A 268 -9.51 4.56 -9.90
N ASP A 268 -9.54 4.55 -9.91
CA ASP A 268 -10.00 3.56 -10.84
CA ASP A 268 -10.04 3.51 -10.81
C ASP A 268 -9.18 2.28 -10.81
C ASP A 268 -9.20 2.24 -10.71
N ASP A 269 -7.89 2.36 -10.49
CA ASP A 269 -7.09 1.16 -10.31
C ASP A 269 -7.57 0.39 -9.08
N ILE A 270 -7.86 1.11 -7.99
CA ILE A 270 -8.34 0.48 -6.77
C ILE A 270 -9.64 -0.25 -7.03
N VAL A 271 -10.60 0.41 -7.69
CA VAL A 271 -11.89 -0.24 -7.90
C VAL A 271 -11.72 -1.53 -8.71
N GLY A 272 -10.92 -1.47 -9.79
CA GLY A 272 -10.71 -2.66 -10.59
C GLY A 272 -9.94 -3.75 -9.88
N ALA A 273 -8.98 -3.36 -9.03
CA ALA A 273 -8.24 -4.36 -8.26
C ALA A 273 -9.12 -5.02 -7.21
N VAL A 274 -10.04 -4.26 -6.59
CA VAL A 274 -10.98 -4.89 -5.66
C VAL A 274 -11.86 -5.89 -6.39
N GLU A 275 -12.31 -5.53 -7.62
CA GLU A 275 -13.08 -6.44 -8.46
C GLU A 275 -12.33 -7.73 -8.76
N ARG A 276 -11.01 -7.71 -8.59
CA ARG A 276 -10.16 -8.85 -8.89
C ARG A 276 -9.60 -9.50 -7.63
N GLY A 277 -10.07 -9.10 -6.45
CA GLY A 277 -9.79 -9.82 -5.22
C GLY A 277 -8.75 -9.21 -4.31
N ILE A 278 -8.39 -7.95 -4.51
CA ILE A 278 -7.42 -7.28 -3.65
C ILE A 278 -8.11 -6.66 -2.45
N ASP A 279 -7.44 -6.75 -1.29
CA ASP A 279 -7.95 -6.30 -0.01
C ASP A 279 -7.24 -5.08 0.58
N MET A 280 -6.03 -4.75 0.11
CA MET A 280 -5.21 -3.72 0.73
C MET A 280 -4.44 -2.99 -0.36
N PHE A 281 -4.27 -1.67 -0.14
CA PHE A 281 -3.65 -0.75 -1.07
C PHE A 281 -2.80 0.26 -0.34
N ASP A 282 -1.66 0.62 -0.95
CA ASP A 282 -0.88 1.79 -0.60
C ASP A 282 -0.76 2.64 -1.87
N CYS A 283 -0.56 3.94 -1.73
CA CYS A 283 -0.23 4.68 -2.94
C CYS A 283 0.25 6.08 -2.58
N VAL A 284 1.27 6.55 -3.29
CA VAL A 284 1.78 7.88 -2.99
C VAL A 284 0.78 8.93 -3.42
N LEU A 285 -0.06 8.62 -4.42
CA LEU A 285 -0.78 9.65 -5.17
C LEU A 285 -1.53 10.66 -4.30
N PRO A 286 -2.29 10.26 -3.29
CA PRO A 286 -3.04 11.28 -2.51
C PRO A 286 -2.16 12.40 -1.99
N THR A 287 -1.01 12.05 -1.41
CA THR A 287 -0.07 13.03 -0.88
C THR A 287 0.71 13.72 -1.98
N ARG A 288 1.20 12.97 -2.96
CA ARG A 288 1.90 13.60 -4.08
C ARG A 288 0.97 14.60 -4.74
N SER A 289 -0.26 14.19 -5.04
CA SER A 289 -1.20 15.09 -5.70
C SER A 289 -1.52 16.30 -4.82
N GLY A 290 -1.67 16.10 -3.51
CA GLY A 290 -2.05 17.20 -2.65
C GLY A 290 -1.00 18.29 -2.57
N ARG A 291 0.27 17.93 -2.74
CA ARG A 291 1.35 18.90 -2.75
C ARG A 291 1.61 19.48 -4.14
N ASN A 292 0.89 19.01 -5.16
CA ASN A 292 1.17 19.39 -6.54
C ASN A 292 -0.07 19.89 -7.27
N GLY A 293 -1.09 20.32 -6.53
CA GLY A 293 -2.23 21.01 -7.10
C GLY A 293 -3.38 20.16 -7.58
N GLN A 294 -3.34 18.85 -7.38
CA GLN A 294 -4.36 17.96 -7.90
C GLN A 294 -5.26 17.45 -6.77
N ALA A 295 -6.57 17.61 -6.94
CA ALA A 295 -7.57 17.12 -6.01
C ALA A 295 -8.41 16.01 -6.66
N PHE A 296 -8.68 14.97 -5.90
CA PHE A 296 -9.54 13.89 -6.38
C PHE A 296 -11.00 14.19 -6.05
N THR A 297 -11.87 13.96 -7.02
CA THR A 297 -13.31 14.16 -6.86
C THR A 297 -14.03 12.99 -7.52
N FTR A 298 -15.30 12.79 -7.19
CA FTR A 298 -16.10 11.74 -7.81
CB FTR A 298 -17.48 11.59 -7.17
CG FTR A 298 -17.41 11.29 -5.74
CD2 FTR A 298 -17.05 10.00 -5.18
CE2 FTR A 298 -17.10 10.13 -3.74
CE3 FTR A 298 -16.71 8.77 -5.76
CD1 FTR A 298 -17.65 12.14 -4.66
NE1 FTR A 298 -17.47 11.44 -3.45
CZ2 FTR A 298 -16.80 9.05 -2.91
CZ3 FTR A 298 -16.42 7.70 -4.89
F FTR A 298 -16.10 6.49 -5.44
CH2 FTR A 298 -16.47 7.84 -3.49
C FTR A 298 -16.29 11.96 -9.34
O FTR A 298 -16.64 10.97 -10.07
H FTR A 298 -15.61 12.95 -6.41
HA FTR A 298 -15.62 10.91 -7.72
HB2 FTR A 298 -17.97 10.89 -7.61
HB3 FTR A 298 -17.99 12.41 -7.29
HE3 FTR A 298 -16.68 8.67 -6.68
HD1 FTR A 298 -17.90 13.03 -4.65
HE1 FTR A 298 -17.56 11.77 -2.66
HZ2 FTR A 298 -16.83 9.14 -1.99
HH2 FTR A 298 -16.27 7.10 -2.96
N ASP A 299 -16.04 13.18 -9.81
CA ASP A 299 -16.07 13.49 -11.24
C ASP A 299 -14.67 13.55 -11.85
N GLY A 300 -13.71 12.90 -11.19
CA GLY A 300 -12.34 12.85 -11.67
C GLY A 300 -11.42 13.84 -10.98
N PRO A 301 -10.12 13.74 -11.27
CA PRO A 301 -9.17 14.68 -10.68
C PRO A 301 -9.30 16.06 -11.31
N ILE A 302 -9.04 17.08 -10.50
CA ILE A 302 -9.02 18.46 -10.99
C ILE A 302 -7.69 19.11 -10.62
N ASN A 303 -7.19 20.02 -11.46
CA ASN A 303 -5.99 20.78 -11.12
C ASN A 303 -6.42 22.14 -10.60
N ILE A 304 -6.37 22.28 -9.27
CA ILE A 304 -6.97 23.45 -8.62
C ILE A 304 -6.25 24.74 -8.99
N ARG A 305 -5.01 24.69 -9.48
CA ARG A 305 -4.34 25.92 -9.90
C ARG A 305 -4.92 26.52 -11.16
N ASN A 306 -5.67 25.75 -11.95
CA ASN A 306 -6.20 26.26 -13.21
C ASN A 306 -7.11 27.45 -12.94
N ALA A 307 -7.05 28.45 -13.84
CA ALA A 307 -7.82 29.67 -13.69
C ALA A 307 -9.32 29.44 -13.63
N ARG A 308 -9.81 28.33 -14.20
CA ARG A 308 -11.24 28.06 -14.16
C ARG A 308 -11.77 27.91 -12.73
N PHE A 309 -10.89 27.72 -11.75
CA PHE A 309 -11.34 27.60 -10.37
C PHE A 309 -11.25 28.91 -9.59
N SER A 310 -10.78 30.00 -10.21
CA SER A 310 -10.53 31.22 -9.43
C SER A 310 -11.80 31.81 -8.84
N GLU A 311 -12.97 31.54 -9.43
CA GLU A 311 -14.23 32.09 -8.94
C GLU A 311 -15.24 31.00 -8.60
N ASP A 312 -14.78 29.75 -8.46
CA ASP A 312 -15.66 28.59 -8.25
C ASP A 312 -15.95 28.47 -6.75
N LEU A 313 -17.20 28.75 -6.36
CA LEU A 313 -17.57 28.77 -4.95
C LEU A 313 -17.93 27.38 -4.40
N LYS A 314 -17.94 26.36 -5.25
CA LYS A 314 -18.22 25.02 -4.76
C LYS A 314 -17.03 24.45 -3.99
N PRO A 315 -17.27 23.52 -3.08
CA PRO A 315 -16.16 22.81 -2.44
C PRO A 315 -15.41 21.97 -3.48
N LEU A 316 -14.24 21.48 -3.06
CA LEU A 316 -13.44 20.63 -3.94
C LEU A 316 -14.30 19.53 -4.56
N ASP A 317 -15.13 18.87 -3.75
CA ASP A 317 -16.07 17.90 -4.27
C ASP A 317 -17.44 18.11 -3.63
N SER A 318 -18.48 18.00 -4.46
CA SER A 318 -19.84 18.36 -4.07
C SER A 318 -20.43 17.44 -3.01
N GLU A 319 -19.94 16.22 -2.89
CA GLU A 319 -20.51 15.27 -1.94
C GLU A 319 -19.58 14.95 -0.79
N CYS A 320 -18.30 15.29 -0.89
CA CYS A 320 -17.31 14.94 0.12
C CYS A 320 -17.70 15.50 1.48
N HIS A 321 -17.57 14.67 2.51
CA HIS A 321 -17.92 15.05 3.88
C HIS A 321 -16.74 15.61 4.67
N CYS A 322 -15.58 15.79 4.04
CA CYS A 322 -14.40 16.16 4.82
C CYS A 322 -14.51 17.60 5.31
N ALA A 323 -13.69 17.92 6.31
CA ALA A 323 -13.77 19.24 6.93
C ALA A 323 -13.40 20.36 5.98
N VAL A 324 -12.55 20.09 4.98
CA VAL A 324 -12.21 21.12 4.00
C VAL A 324 -13.42 21.50 3.17
N CYS A 325 -14.16 20.49 2.70
CA CYS A 325 -15.29 20.72 1.83
C CYS A 325 -16.49 21.24 2.59
N GLN A 326 -16.54 20.99 3.91
CA GLN A 326 -17.56 21.61 4.73
C GLN A 326 -17.36 23.11 4.85
N LYS A 327 -16.12 23.58 4.76
CA LYS A 327 -15.79 24.96 5.13
C LYS A 327 -15.31 25.87 4.01
N FTR A 328 -14.53 25.33 3.07
CA FTR A 328 -13.90 26.21 2.11
CB FTR A 328 -12.37 26.25 2.26
CG FTR A 328 -11.97 26.88 3.52
CD2 FTR A 328 -11.43 26.17 4.67
CE2 FTR A 328 -11.17 27.18 5.69
CE3 FTR A 328 -11.19 24.83 4.93
CD1 FTR A 328 -12.00 28.23 3.85
NE1 FTR A 328 -11.51 28.41 5.15
CZ2 FTR A 328 -10.65 26.81 6.94
CZ3 FTR A 328 -10.67 24.50 6.18
F FTR A 328 -10.41 23.20 6.47
CH2 FTR A 328 -10.41 25.47 7.17
C FTR A 328 -14.16 25.88 0.61
O FTR A 328 -14.45 24.71 0.26
HA FTR A 328 -14.28 27.09 2.25
HB2 FTR A 328 -11.98 26.74 1.51
HB3 FTR A 328 -12.01 25.35 2.22
HE3 FTR A 328 -11.35 24.18 4.29
HD1 FTR A 328 -12.28 28.95 3.34
HE1 FTR A 328 -11.43 29.16 5.56
HZ2 FTR A 328 -10.48 27.46 7.59
HH2 FTR A 328 -10.06 25.20 7.99
N SER A 329 -14.04 26.91 -0.22
CA SER A 329 -14.29 26.80 -1.64
C SER A 329 -13.05 26.44 -2.46
N ARG A 330 -13.32 25.94 -3.65
CA ARG A 330 -12.29 25.83 -4.67
C ARG A 330 -11.57 27.16 -4.89
N ALA A 331 -12.32 28.26 -4.95
CA ALA A 331 -11.71 29.56 -5.22
C ALA A 331 -10.68 29.91 -4.15
N TYR A 332 -11.01 29.65 -2.88
CA TYR A 332 -10.07 29.98 -1.82
C TYR A 332 -8.85 29.06 -1.84
N ILE A 333 -9.05 27.76 -2.04
CA ILE A 333 -7.91 26.85 -2.08
C ILE A 333 -7.02 27.17 -3.27
N HIS A 334 -7.62 27.48 -4.42
CA HIS A 334 -6.89 27.97 -5.58
C HIS A 334 -6.03 29.17 -5.22
N HIS A 335 -6.64 30.15 -4.53
CA HIS A 335 -5.93 31.34 -4.09
C HIS A 335 -4.71 30.98 -3.25
N LEU A 336 -4.89 30.10 -2.27
CA LEU A 336 -3.80 29.76 -1.37
C LEU A 336 -2.67 29.08 -2.14
N ILE A 337 -3.01 28.11 -2.99
CA ILE A 337 -1.98 27.38 -3.72
C ILE A 337 -1.22 28.32 -4.66
N ARG A 338 -1.95 29.17 -5.38
CA ARG A 338 -1.31 30.12 -6.28
C ARG A 338 -0.41 31.09 -5.51
N ALA A 339 -0.75 31.38 -4.25
CA ALA A 339 0.05 32.27 -3.43
C ALA A 339 1.23 31.58 -2.77
N GLY A 340 1.40 30.27 -2.97
CA GLY A 340 2.48 29.55 -2.30
C GLY A 340 2.25 29.28 -0.84
N GLU A 341 1.01 29.36 -0.37
CA GLU A 341 0.73 29.21 1.06
C GLU A 341 0.68 27.74 1.43
N ILE A 342 1.37 27.40 2.52
CA ILE A 342 1.37 26.03 3.04
C ILE A 342 -0.03 25.55 3.35
N LEU A 343 -0.87 26.43 3.90
CA LEU A 343 -2.24 26.06 4.22
C LEU A 343 -2.91 25.41 3.00
N GLY A 344 -2.63 25.91 1.79
CA GLY A 344 -3.28 25.35 0.62
C GLY A 344 -2.96 23.88 0.40
N ALA A 345 -1.68 23.53 0.42
CA ALA A 345 -1.30 22.14 0.21
C ALA A 345 -1.84 21.25 1.34
N MET A 346 -1.85 21.76 2.56
CA MET A 346 -2.39 21.00 3.68
C MET A 346 -3.87 20.69 3.48
N LEU A 347 -4.64 21.67 3.03
CA LEU A 347 -6.06 21.46 2.82
C LEU A 347 -6.30 20.48 1.68
N MET A 348 -5.54 20.62 0.59
CA MET A 348 -5.65 19.68 -0.53
C MET A 348 -5.35 18.27 -0.08
N THR A 349 -4.32 18.10 0.76
CA THR A 349 -3.91 16.76 1.17
C THR A 349 -4.94 16.16 2.11
N GLU A 350 -5.46 16.97 3.05
CA GLU A 350 -6.51 16.47 3.92
C GLU A 350 -7.71 16.01 3.12
N HIS A 351 -8.11 16.83 2.13
CA HIS A 351 -9.24 16.42 1.32
C HIS A 351 -8.95 15.12 0.57
N ASN A 352 -7.76 15.01 -0.02
CA ASN A 352 -7.45 13.85 -0.85
C ASN A 352 -7.45 12.56 -0.03
N ILE A 353 -6.79 12.56 1.13
CA ILE A 353 -6.78 11.36 1.96
C ILE A 353 -8.20 11.04 2.41
N ALA A 354 -8.98 12.06 2.76
CA ALA A 354 -10.38 11.84 3.13
C ALA A 354 -11.19 11.26 1.97
N PHE A 355 -10.98 11.77 0.75
CA PHE A 355 -11.64 11.20 -0.40
C PHE A 355 -11.34 9.71 -0.53
N TYR A 356 -10.07 9.34 -0.39
CA TYR A 356 -9.70 7.92 -0.50
C TYR A 356 -10.39 7.10 0.57
N GLN A 357 -10.53 7.64 1.77
CA GLN A 357 -11.18 6.82 2.78
C GLN A 357 -12.68 6.70 2.51
N GLN A 358 -13.30 7.74 1.93
CA GLN A 358 -14.71 7.63 1.55
C GLN A 358 -14.89 6.63 0.41
N LEU A 359 -13.95 6.62 -0.53
CA LEU A 359 -13.95 5.62 -1.59
C LEU A 359 -13.92 4.22 -0.99
N MET A 360 -13.04 3.99 -0.02
CA MET A 360 -12.94 2.64 0.53
C MET A 360 -14.18 2.28 1.31
N GLN A 361 -14.76 3.25 2.04
CA GLN A 361 -16.00 2.98 2.76
C GLN A 361 -17.12 2.62 1.80
N LYS A 362 -17.23 3.35 0.69
CA LYS A 362 -18.27 3.03 -0.27
C LYS A 362 -18.06 1.65 -0.90
N ILE A 363 -16.79 1.30 -1.13
CA ILE A 363 -16.49 -0.03 -1.64
C ILE A 363 -16.90 -1.10 -0.63
N ARG A 364 -16.53 -0.93 0.64
CA ARG A 364 -16.87 -1.93 1.65
C ARG A 364 -18.38 -2.07 1.79
N ASP A 365 -19.07 -0.94 1.87
CA ASP A 365 -20.52 -0.97 2.01
C ASP A 365 -21.18 -1.63 0.81
N SER A 366 -20.70 -1.32 -0.40
N SER A 366 -20.72 -1.29 -0.40
CA SER A 366 -21.37 -1.87 -1.58
CA SER A 366 -21.30 -1.85 -1.60
C SER A 366 -21.14 -3.38 -1.69
C SER A 366 -21.15 -3.38 -1.61
N ILE A 367 -19.96 -3.88 -1.30
CA ILE A 367 -19.75 -5.32 -1.27
C ILE A 367 -20.65 -5.96 -0.23
N SER A 368 -20.71 -5.36 0.97
N SER A 368 -20.67 -5.38 0.99
CA SER A 368 -21.50 -5.94 2.04
CA SER A 368 -21.52 -5.93 2.04
C SER A 368 -22.98 -5.97 1.68
C SER A 368 -22.96 -6.05 1.57
N GLU A 369 -23.42 -5.05 0.83
CA GLU A 369 -24.80 -4.94 0.41
C GLU A 369 -25.09 -5.64 -0.91
N GLY A 370 -24.09 -6.26 -1.53
CA GLY A 370 -24.28 -6.94 -2.79
C GLY A 370 -24.54 -6.05 -3.98
N ARG A 371 -24.04 -4.80 -3.97
CA ARG A 371 -24.22 -3.90 -5.11
C ARG A 371 -22.89 -3.30 -5.54
N PHE A 372 -21.79 -4.03 -5.32
CA PHE A 372 -20.48 -3.53 -5.71
C PHE A 372 -20.32 -3.48 -7.23
N SER A 373 -20.86 -4.48 -7.95
CA SER A 373 -20.76 -4.44 -9.40
C SER A 373 -21.43 -3.19 -9.96
N GLN A 374 -22.60 -2.84 -9.42
CA GLN A 374 -23.26 -1.60 -9.84
C GLN A 374 -22.46 -0.38 -9.43
N PHE A 375 -21.90 -0.38 -8.21
CA PHE A 375 -21.08 0.74 -7.77
C PHE A 375 -19.92 0.98 -8.72
N ALA A 376 -19.25 -0.09 -9.15
CA ALA A 376 -18.07 0.08 -9.99
C ALA A 376 -18.44 0.67 -11.34
N GLN A 377 -19.53 0.18 -11.92
CA GLN A 377 -20.00 0.75 -13.19
C GLN A 377 -20.38 2.22 -13.03
N ASP A 378 -21.12 2.54 -11.96
CA ASP A 378 -21.51 3.92 -11.70
C ASP A 378 -20.30 4.79 -11.43
N PHE A 379 -19.37 4.29 -10.61
CA PHE A 379 -18.14 5.01 -10.35
C PHE A 379 -17.44 5.39 -11.64
N ARG A 380 -17.24 4.40 -12.53
CA ARG A 380 -16.49 4.65 -13.74
C ARG A 380 -17.22 5.63 -14.65
N ALA A 381 -18.53 5.47 -14.81
CA ALA A 381 -19.25 6.34 -15.72
C ALA A 381 -19.07 7.80 -15.30
N ARG A 382 -19.06 8.05 -13.99
CA ARG A 382 -18.97 9.41 -13.50
C ARG A 382 -17.53 9.91 -13.43
N TYR A 383 -16.61 9.08 -12.94
CA TYR A 383 -15.22 9.50 -12.80
C TYR A 383 -14.62 9.88 -14.15
N PHE A 384 -15.06 9.24 -15.23
CA PHE A 384 -14.47 9.51 -16.54
C PHE A 384 -15.35 10.36 -17.43
N ALA A 385 -16.57 10.71 -17.00
CA ALA A 385 -17.46 11.51 -17.85
C ALA A 385 -16.76 12.75 -18.41
ZN ZN B . -13.32 17.09 0.80
C14 NEZ C . 6.75 -0.13 -2.86
C5 NEZ C . 6.48 -1.14 -3.95
C4 NEZ C . 6.87 -2.49 -3.88
N10 NEZ C . 7.53 -2.88 -2.69
C9 NEZ C . 8.04 -4.10 -2.66
N23 NEZ C . 8.65 -4.55 -1.55
N8 NEZ C . 7.96 -4.98 -3.72
C7 NEZ C . 7.31 -4.71 -4.89
O22 NEZ C . 7.26 -5.54 -5.80
C3 NEZ C . 6.72 -3.36 -4.96
C2 NEZ C . 6.12 -2.93 -6.15
C1 NEZ C . 5.74 -1.60 -6.25
N11 NEZ C . 5.18 -0.89 -7.32
C12 NEZ C . 5.09 0.35 -6.88
N13 NEZ C . 5.50 0.52 -5.61
C6 NEZ C . 5.92 -0.72 -5.17
C15 NEZ C . 5.52 0.11 -1.93
C16 NEZ C . 5.75 1.27 -1.00
C17 NEZ C . 6.90 1.37 -0.23
C18 NEZ C . 7.09 2.42 0.65
C19 NEZ C . 6.13 3.41 0.79
C24 NEZ C . 6.31 4.53 1.79
C20 NEZ C . 4.99 3.32 0.01
C21 NEZ C . 4.79 2.27 -0.87
#